data_2NP2
#
_entry.id   2NP2
#
_cell.length_a   59.270
_cell.length_b   88.320
_cell.length_c   96.570
_cell.angle_alpha   90.00
_cell.angle_beta   90.00
_cell.angle_gamma   90.00
#
_symmetry.space_group_name_H-M   'P 21 21 21'
#
loop_
_entity.id
_entity.type
_entity.pdbx_description
1 polymer 36-MER
2 polymer Hbb
3 water water
#
loop_
_entity_poly.entity_id
_entity_poly.type
_entity_poly.pdbx_seq_one_letter_code
_entity_poly.pdbx_strand_id
1 'polydeoxyribonucleotide'
;(DG)(DT)(DA)(DT)(DT)(DT)(DA)(DA)(DT)(DA)(DC)(DT)(DA)(DT)(DA)(DT)(DG)(DT)(DC)(DA)
(DT)(DA)(DT)(DA)(DG)(DT)(DA)(DT)(DT)(DA)(DA)(DA)(DT)(DA)(DC)(DT)
;
C,D
2 'polypeptide(L)'
;MSFSRRPKVTKSDIVDQIALNIKNNNLKLEKKYIRLVIDAFFEELKSNLCSNNVIEFRSFGTFEVRKRKGRLNARNPQTG
EYVKVLDHHVAYFRPGKDLKERVWGIKG
;
A,B
#
loop_
_chem_comp.id
_chem_comp.type
_chem_comp.name
_chem_comp.formula
DA DNA linking 2'-DEOXYADENOSINE-5'-MONOPHOSPHATE 'C10 H14 N5 O6 P'
DC DNA linking 2'-DEOXYCYTIDINE-5'-MONOPHOSPHATE 'C9 H14 N3 O7 P'
DG DNA linking 2'-DEOXYGUANOSINE-5'-MONOPHOSPHATE 'C10 H14 N5 O7 P'
DT DNA linking THYMIDINE-5'-MONOPHOSPHATE 'C10 H15 N2 O8 P'
#
# COMPACT_ATOMS: atom_id res chain seq x y z
N ARG C 6 17.40 -0.84 8.33
CA ARG C 6 17.31 -0.71 6.84
C ARG C 6 17.14 -2.05 6.10
N PRO C 7 16.53 -3.06 6.77
CA PRO C 7 16.33 -4.38 6.14
C PRO C 7 15.28 -4.52 5.05
N LYS C 8 15.41 -5.58 4.26
CA LYS C 8 14.44 -5.86 3.21
C LYS C 8 13.55 -7.04 3.62
N VAL C 9 12.28 -6.73 3.86
CA VAL C 9 11.28 -7.71 4.24
C VAL C 9 10.54 -8.25 3.01
N THR C 10 10.22 -9.54 3.02
CA THR C 10 9.53 -10.15 1.90
C THR C 10 8.15 -10.66 2.26
N LYS C 11 7.35 -10.92 1.22
CA LYS C 11 6.01 -11.44 1.42
C LYS C 11 6.09 -12.65 2.31
N SER C 12 7.21 -13.35 2.23
CA SER C 12 7.39 -14.53 3.04
C SER C 12 7.60 -14.18 4.51
N ASP C 13 8.48 -13.22 4.78
CA ASP C 13 8.71 -12.84 6.16
C ASP C 13 7.41 -12.36 6.79
N ILE C 14 6.72 -11.48 6.09
CA ILE C 14 5.46 -10.96 6.60
C ILE C 14 4.52 -12.10 6.94
N VAL C 15 4.42 -13.06 6.03
CA VAL C 15 3.56 -14.20 6.26
C VAL C 15 3.93 -14.92 7.54
N ASP C 16 5.24 -14.98 7.83
CA ASP C 16 5.71 -15.63 9.03
C ASP C 16 5.30 -14.81 10.24
N GLN C 17 5.48 -13.50 10.14
CA GLN C 17 5.15 -12.60 11.25
C GLN C 17 3.67 -12.66 11.55
N ILE C 18 2.85 -12.72 10.51
CA ILE C 18 1.43 -12.79 10.72
C ILE C 18 1.16 -14.09 11.43
N ALA C 19 1.98 -15.09 11.15
CA ALA C 19 1.79 -16.38 11.80
C ALA C 19 1.99 -16.15 13.29
N LEU C 20 3.10 -15.49 13.64
CA LEU C 20 3.40 -15.20 15.04
C LEU C 20 2.28 -14.38 15.65
N ASN C 21 2.13 -13.16 15.14
CA ASN C 21 1.11 -12.25 15.60
C ASN C 21 -0.18 -13.02 15.88
N ILE C 22 -0.57 -13.88 14.97
CA ILE C 22 -1.81 -14.65 15.15
C ILE C 22 -1.78 -15.61 16.34
N LYS C 23 -0.64 -16.26 16.56
CA LYS C 23 -0.58 -17.18 17.67
C LYS C 23 -0.43 -16.45 18.99
N ASN C 24 0.23 -15.29 18.99
CA ASN C 24 0.40 -14.52 20.23
C ASN C 24 -0.96 -14.29 20.87
N ASN C 25 -2.00 -14.39 20.06
CA ASN C 25 -3.35 -14.19 20.57
C ASN C 25 -4.09 -15.52 20.59
N ASN C 26 -3.43 -16.55 21.11
CA ASN C 26 -4.01 -17.89 21.21
C ASN C 26 -4.92 -18.31 20.06
N LEU C 27 -4.38 -18.24 18.86
CA LEU C 27 -5.14 -18.62 17.67
C LEU C 27 -4.18 -19.42 16.82
N LYS C 28 -4.70 -20.31 16.01
CA LYS C 28 -3.82 -21.10 15.17
C LYS C 28 -4.26 -21.15 13.73
N LEU C 29 -3.42 -20.65 12.83
CA LEU C 29 -3.74 -20.65 11.42
C LEU C 29 -2.50 -21.12 10.66
N GLU C 30 -2.70 -22.05 9.74
CA GLU C 30 -1.61 -22.59 8.96
C GLU C 30 -1.01 -21.58 8.02
N LYS C 31 0.31 -21.49 8.02
CA LYS C 31 1.01 -20.55 7.15
C LYS C 31 0.43 -20.65 5.74
N LYS C 32 -0.02 -21.85 5.43
CA LYS C 32 -0.64 -22.16 4.15
C LYS C 32 -1.78 -21.18 3.84
N TYR C 33 -2.74 -21.11 4.76
CA TYR C 33 -3.90 -20.24 4.62
C TYR C 33 -3.53 -18.77 4.69
N ILE C 34 -2.49 -18.45 5.43
CA ILE C 34 -2.05 -17.07 5.53
C ILE C 34 -1.52 -16.65 4.17
N ARG C 35 -0.61 -17.44 3.61
CA ARG C 35 -0.03 -17.13 2.29
C ARG C 35 -1.17 -16.97 1.31
N LEU C 36 -2.15 -17.85 1.44
CA LEU C 36 -3.32 -17.83 0.57
C LEU C 36 -4.10 -16.52 0.62
N VAL C 37 -4.46 -16.09 1.82
CA VAL C 37 -5.21 -14.86 1.99
C VAL C 37 -4.40 -13.71 1.39
N ILE C 38 -3.15 -13.59 1.82
CA ILE C 38 -2.29 -12.54 1.30
C ILE C 38 -2.24 -12.46 -0.24
N ASP C 39 -2.24 -13.61 -0.90
CA ASP C 39 -2.19 -13.58 -2.35
C ASP C 39 -3.50 -13.11 -2.93
N ALA C 40 -4.59 -13.59 -2.37
CA ALA C 40 -5.91 -13.19 -2.83
C ALA C 40 -6.07 -11.72 -2.55
N PHE C 41 -5.50 -11.30 -1.42
CA PHE C 41 -5.54 -9.91 -0.98
C PHE C 41 -4.97 -8.99 -2.06
N PHE C 42 -3.76 -9.28 -2.51
CA PHE C 42 -3.11 -8.48 -3.53
C PHE C 42 -3.85 -8.58 -4.85
N GLU C 43 -4.27 -9.78 -5.20
CA GLU C 43 -5.00 -9.93 -6.44
C GLU C 43 -6.22 -9.00 -6.41
N GLU C 44 -7.04 -9.19 -5.38
CA GLU C 44 -8.23 -8.38 -5.21
C GLU C 44 -7.99 -6.89 -5.16
N LEU C 45 -6.86 -6.48 -4.60
CA LEU C 45 -6.56 -5.08 -4.53
C LEU C 45 -6.21 -4.53 -5.91
N LYS C 46 -5.48 -5.32 -6.68
CA LYS C 46 -5.08 -4.91 -8.01
C LYS C 46 -6.28 -4.70 -8.90
N SER C 47 -7.13 -5.71 -8.99
CA SER C 47 -8.32 -5.61 -9.83
C SER C 47 -9.17 -4.45 -9.36
N ASN C 48 -9.22 -4.26 -8.05
CA ASN C 48 -10.01 -3.17 -7.53
C ASN C 48 -9.44 -1.88 -8.02
N LEU C 49 -8.12 -1.79 -8.04
CA LEU C 49 -7.51 -0.56 -8.51
C LEU C 49 -7.76 -0.35 -9.99
N CYS C 50 -7.66 -1.41 -10.78
CA CYS C 50 -7.91 -1.30 -12.22
C CYS C 50 -9.30 -0.77 -12.52
N SER C 51 -10.27 -1.18 -11.72
CA SER C 51 -11.66 -0.76 -11.89
C SER C 51 -11.76 0.69 -11.44
N ASN C 52 -10.61 1.24 -11.06
CA ASN C 52 -10.54 2.62 -10.60
C ASN C 52 -11.46 2.80 -9.39
N ASN C 53 -11.34 1.90 -8.42
CA ASN C 53 -12.12 1.99 -7.20
C ASN C 53 -11.23 2.61 -6.16
N VAL C 54 -11.77 2.84 -4.98
CA VAL C 54 -11.00 3.41 -3.91
C VAL C 54 -11.11 2.47 -2.73
N ILE C 55 -9.99 1.89 -2.35
CA ILE C 55 -9.96 0.96 -1.23
C ILE C 55 -9.48 1.74 -0.04
N GLU C 56 -10.25 1.70 1.05
CA GLU C 56 -9.90 2.41 2.27
C GLU C 56 -9.79 1.49 3.46
N PHE C 57 -8.65 1.54 4.14
CA PHE C 57 -8.41 0.72 5.33
C PHE C 57 -8.16 1.67 6.50
N ARG C 58 -9.19 2.04 7.25
CA ARG C 58 -9.01 2.99 8.36
C ARG C 58 -7.82 2.69 9.24
N SER C 59 -7.11 3.76 9.64
CA SER C 59 -5.94 3.68 10.51
C SER C 59 -4.71 3.11 9.81
N PHE C 60 -4.74 3.10 8.48
CA PHE C 60 -3.62 2.56 7.74
C PHE C 60 -3.29 3.34 6.50
N GLY C 61 -4.29 3.50 5.63
CA GLY C 61 -4.09 4.24 4.41
C GLY C 61 -5.14 3.91 3.37
N THR C 62 -5.11 4.66 2.28
CA THR C 62 -6.04 4.47 1.18
C THR C 62 -5.29 4.29 -0.14
N PHE C 63 -5.83 3.41 -0.97
CA PHE C 63 -5.27 3.14 -2.28
C PHE C 63 -6.26 3.73 -3.25
N GLU C 64 -5.77 4.32 -4.33
CA GLU C 64 -6.64 4.92 -5.32
C GLU C 64 -5.81 5.21 -6.56
N VAL C 65 -6.49 5.42 -7.68
CA VAL C 65 -5.79 5.73 -8.92
C VAL C 65 -5.80 7.23 -9.10
N ARG C 66 -4.66 7.78 -9.49
CA ARG C 66 -4.54 9.21 -9.72
C ARG C 66 -4.07 9.50 -11.15
N LYS C 67 -4.53 10.60 -11.71
CA LYS C 67 -4.13 10.98 -13.05
C LYS C 67 -2.84 11.75 -12.95
N ARG C 68 -2.03 11.63 -14.00
CA ARG C 68 -0.74 12.31 -14.04
C ARG C 68 -0.53 12.86 -15.44
N LYS C 69 -0.32 14.17 -15.55
CA LYS C 69 -0.10 14.81 -16.85
C LYS C 69 1.21 14.39 -17.51
N GLY C 70 1.15 14.13 -18.81
CA GLY C 70 2.35 13.74 -19.53
C GLY C 70 3.26 14.93 -19.78
N ARG C 71 4.36 14.70 -20.47
CA ARG C 71 5.31 15.76 -20.75
C ARG C 71 6.01 15.58 -22.09
N LEU C 72 6.91 16.50 -22.40
CA LEU C 72 7.71 16.46 -23.59
C LEU C 72 9.13 16.72 -23.04
N ASN C 73 9.17 17.43 -21.92
CA ASN C 73 10.42 17.75 -21.22
C ASN C 73 11.10 16.51 -20.67
N ALA C 74 10.38 15.39 -20.63
CA ALA C 74 10.92 14.15 -20.09
C ALA C 74 12.34 13.91 -20.60
N ARG C 75 13.17 13.32 -19.74
CA ARG C 75 14.57 13.05 -20.08
C ARG C 75 15.02 11.61 -19.84
N ASN C 76 15.92 11.13 -20.71
CA ASN C 76 16.47 9.80 -20.59
C ASN C 76 17.69 10.02 -19.68
N PRO C 77 17.58 9.69 -18.39
CA PRO C 77 18.67 9.86 -17.41
C PRO C 77 20.06 9.58 -17.99
N GLN C 78 20.14 8.55 -18.82
CA GLN C 78 21.40 8.13 -19.45
C GLN C 78 21.99 9.08 -20.50
N THR C 79 21.18 9.40 -21.52
CA THR C 79 21.60 10.22 -22.64
C THR C 79 21.16 11.69 -22.68
N GLY C 80 20.12 12.04 -21.94
CA GLY C 80 19.66 13.41 -21.95
C GLY C 80 18.69 13.68 -23.09
N GLU C 81 18.49 12.67 -23.93
CA GLU C 81 17.58 12.80 -25.07
C GLU C 81 16.18 13.08 -24.58
N TYR C 82 15.56 14.14 -25.06
CA TYR C 82 14.20 14.45 -24.65
C TYR C 82 13.25 13.30 -25.01
N VAL C 83 12.45 12.86 -24.04
CA VAL C 83 11.48 11.77 -24.22
C VAL C 83 10.06 12.24 -23.98
N LYS C 84 9.11 11.60 -24.63
CA LYS C 84 7.72 11.97 -24.47
C LYS C 84 7.00 10.98 -23.56
N VAL C 85 6.16 11.52 -22.69
CA VAL C 85 5.38 10.71 -21.77
C VAL C 85 3.92 11.14 -21.88
N LEU C 86 3.04 10.18 -22.10
CA LEU C 86 1.62 10.47 -22.25
C LEU C 86 0.89 10.61 -20.92
N ASP C 87 -0.24 11.29 -20.93
CA ASP C 87 -1.04 11.45 -19.72
C ASP C 87 -1.49 10.04 -19.35
N HIS C 88 -1.21 9.62 -18.13
CA HIS C 88 -1.57 8.28 -17.67
C HIS C 88 -2.13 8.27 -16.27
N HIS C 89 -2.23 7.07 -15.70
CA HIS C 89 -2.74 6.89 -14.35
C HIS C 89 -1.73 6.14 -13.49
N VAL C 90 -1.79 6.36 -12.18
CA VAL C 90 -0.86 5.71 -11.30
C VAL C 90 -1.49 5.22 -10.00
N ALA C 91 -0.93 4.16 -9.43
CA ALA C 91 -1.44 3.61 -8.19
C ALA C 91 -0.86 4.45 -7.07
N TYR C 92 -1.70 4.98 -6.20
CA TYR C 92 -1.21 5.83 -5.13
C TYR C 92 -1.64 5.40 -3.73
N PHE C 93 -0.71 5.34 -2.81
CA PHE C 93 -1.07 4.97 -1.44
C PHE C 93 -1.06 6.23 -0.60
N ARG C 94 -2.19 6.51 0.02
CA ARG C 94 -2.31 7.70 0.83
C ARG C 94 -2.46 7.33 2.30
N PRO C 95 -1.34 7.39 3.07
CA PRO C 95 -1.18 7.09 4.50
C PRO C 95 -2.30 7.54 5.44
N GLY C 96 -2.67 6.65 6.35
CA GLY C 96 -3.71 6.94 7.32
C GLY C 96 -3.18 7.49 8.63
N LYS C 97 -4.04 8.11 9.42
CA LYS C 97 -3.61 8.70 10.68
C LYS C 97 -2.61 7.85 11.46
N ASP C 98 -3.04 6.70 11.95
CA ASP C 98 -2.14 5.85 12.74
C ASP C 98 -0.77 5.72 12.07
N LEU C 99 -0.77 5.26 10.82
CA LEU C 99 0.47 5.07 10.10
C LEU C 99 1.27 6.37 9.96
N LYS C 100 0.62 7.43 9.48
CA LYS C 100 1.30 8.69 9.29
C LYS C 100 1.92 9.24 10.56
N GLU C 101 1.28 8.98 11.71
CA GLU C 101 1.78 9.49 12.98
C GLU C 101 2.83 8.61 13.62
N ARG C 102 2.76 7.31 13.34
CA ARG C 102 3.72 6.38 13.90
C ARG C 102 5.03 6.44 13.15
N VAL C 103 4.99 6.98 11.95
CA VAL C 103 6.18 7.07 11.12
C VAL C 103 6.82 8.45 11.13
N TRP C 104 6.03 9.47 11.41
CA TRP C 104 6.52 10.84 11.40
C TRP C 104 7.87 11.05 12.10
N GLY C 105 7.91 10.83 13.41
CA GLY C 105 9.15 11.00 14.14
C GLY C 105 9.90 9.70 14.20
N ILE C 106 10.74 9.46 13.19
CA ILE C 106 11.52 8.24 13.11
C ILE C 106 13.03 8.50 13.02
N LYS C 107 13.80 7.65 13.69
CA LYS C 107 15.26 7.76 13.70
C LYS C 107 15.84 7.29 12.38
N ARG D 6 -14.39 6.60 -8.52
CA ARG D 6 -15.01 7.23 -7.35
C ARG D 6 -15.63 6.24 -6.32
N PRO D 7 -16.06 5.03 -6.74
CA PRO D 7 -16.64 4.08 -5.78
C PRO D 7 -15.74 3.92 -4.53
N LYS D 8 -16.30 3.43 -3.41
CA LYS D 8 -15.50 3.27 -2.20
C LYS D 8 -15.56 1.85 -1.62
N VAL D 9 -14.42 1.15 -1.69
CA VAL D 9 -14.31 -0.22 -1.19
C VAL D 9 -13.76 -0.20 0.23
N THR D 10 -14.25 -1.12 1.06
CA THR D 10 -13.82 -1.18 2.45
C THR D 10 -13.10 -2.47 2.79
N LYS D 11 -12.39 -2.46 3.90
CA LYS D 11 -11.68 -3.65 4.35
C LYS D 11 -12.65 -4.81 4.36
N SER D 12 -13.91 -4.50 4.61
CA SER D 12 -14.92 -5.53 4.66
C SER D 12 -15.19 -6.08 3.27
N ASP D 13 -15.41 -5.20 2.30
CA ASP D 13 -15.67 -5.69 0.96
C ASP D 13 -14.52 -6.55 0.47
N ILE D 14 -13.30 -6.06 0.65
CA ILE D 14 -12.13 -6.80 0.21
C ILE D 14 -12.13 -8.17 0.86
N VAL D 15 -12.42 -8.21 2.15
CA VAL D 15 -12.45 -9.48 2.87
C VAL D 15 -13.46 -10.44 2.23
N ASP D 16 -14.57 -9.89 1.74
CA ASP D 16 -15.58 -10.70 1.07
C ASP D 16 -15.08 -11.18 -0.28
N GLN D 17 -14.42 -10.30 -1.02
CA GLN D 17 -13.89 -10.64 -2.33
C GLN D 17 -12.81 -11.69 -2.21
N ILE D 18 -11.99 -11.61 -1.18
CA ILE D 18 -10.95 -12.60 -0.97
C ILE D 18 -11.67 -13.91 -0.67
N ALA D 19 -12.81 -13.83 -0.03
CA ALA D 19 -13.56 -15.02 0.27
C ALA D 19 -13.92 -15.67 -1.07
N LEU D 20 -14.51 -14.89 -1.97
CA LEU D 20 -14.88 -15.38 -3.29
C LEU D 20 -13.66 -15.93 -4.01
N ASN D 21 -12.72 -15.04 -4.32
CA ASN D 21 -11.48 -15.42 -4.99
C ASN D 21 -10.97 -16.75 -4.45
N ILE D 22 -10.94 -16.91 -3.15
CA ILE D 22 -10.47 -18.16 -2.57
C ILE D 22 -11.33 -19.37 -2.93
N LYS D 23 -12.65 -19.21 -2.93
CA LYS D 23 -13.46 -20.35 -3.26
C LYS D 23 -13.45 -20.64 -4.76
N ASN D 24 -13.29 -19.61 -5.59
CA ASN D 24 -13.27 -19.83 -7.03
C ASN D 24 -12.22 -20.87 -7.35
N ASN D 25 -11.28 -21.03 -6.43
CA ASN D 25 -10.23 -22.00 -6.64
C ASN D 25 -10.41 -23.19 -5.70
N ASN D 26 -11.65 -23.70 -5.63
CA ASN D 26 -12.00 -24.84 -4.80
C ASN D 26 -11.26 -24.91 -3.46
N LEU D 27 -11.37 -23.84 -2.69
CA LEU D 27 -10.74 -23.79 -1.40
C LEU D 27 -11.76 -23.17 -0.47
N LYS D 28 -11.69 -23.48 0.81
CA LYS D 28 -12.66 -22.90 1.73
C LYS D 28 -12.00 -22.33 2.96
N LEU D 29 -12.18 -21.03 3.17
CA LEU D 29 -11.62 -20.39 4.35
C LEU D 29 -12.68 -19.48 4.91
N GLU D 30 -12.88 -19.55 6.22
CA GLU D 30 -13.87 -18.75 6.92
C GLU D 30 -13.55 -17.28 6.92
N LYS D 31 -14.53 -16.45 6.57
CA LYS D 31 -14.35 -15.01 6.52
C LYS D 31 -13.65 -14.58 7.79
N LYS D 32 -13.90 -15.33 8.84
CA LYS D 32 -13.31 -15.09 10.15
C LYS D 32 -11.79 -15.02 10.06
N TYR D 33 -11.19 -16.08 9.52
CA TYR D 33 -9.75 -16.18 9.39
C TYR D 33 -9.21 -15.18 8.37
N ILE D 34 -10.00 -14.85 7.37
CA ILE D 34 -9.57 -13.90 6.37
C ILE D 34 -9.44 -12.53 7.03
N ARG D 35 -10.49 -12.12 7.75
CA ARG D 35 -10.48 -10.85 8.45
C ARG D 35 -9.26 -10.79 9.35
N LEU D 36 -9.01 -11.93 9.99
CA LEU D 36 -7.90 -12.09 10.92
C LEU D 36 -6.54 -11.84 10.28
N VAL D 37 -6.27 -12.54 9.18
CA VAL D 37 -5.01 -12.39 8.49
C VAL D 37 -4.87 -10.94 8.09
N ILE D 38 -5.86 -10.40 7.39
CA ILE D 38 -5.80 -9.01 6.98
C ILE D 38 -5.44 -8.03 8.10
N ASP D 39 -5.99 -8.23 9.29
CA ASP D 39 -5.68 -7.34 10.40
C ASP D 39 -4.26 -7.49 10.86
N ALA D 40 -3.80 -8.73 10.96
CA ALA D 40 -2.44 -9.01 11.38
C ALA D 40 -1.52 -8.47 10.29
N PHE D 41 -1.99 -8.55 9.05
CA PHE D 41 -1.24 -8.08 7.91
C PHE D 41 -0.91 -6.61 8.07
N PHE D 42 -1.93 -5.80 8.30
CA PHE D 42 -1.75 -4.37 8.47
C PHE D 42 -0.91 -4.08 9.69
N GLU D 43 -1.22 -4.76 10.80
CA GLU D 43 -0.48 -4.57 12.03
C GLU D 43 0.99 -4.70 11.74
N GLU D 44 1.36 -5.87 11.21
CA GLU D 44 2.72 -6.24 10.85
C GLU D 44 3.40 -5.32 9.87
N LEU D 45 2.63 -4.78 8.94
CA LEU D 45 3.19 -3.88 7.96
C LEU D 45 3.55 -2.53 8.61
N LYS D 46 2.68 -2.08 9.52
CA LYS D 46 2.89 -0.82 10.23
C LYS D 46 4.16 -0.88 11.08
N SER D 47 4.25 -1.88 11.94
CA SER D 47 5.42 -2.03 12.79
C SER D 47 6.66 -2.16 11.91
N ASN D 48 6.52 -2.89 10.81
CA ASN D 48 7.65 -3.04 9.92
C ASN D 48 8.05 -1.69 9.38
N LEU D 49 7.07 -0.85 9.07
CA LEU D 49 7.41 0.47 8.57
C LEU D 49 8.06 1.32 9.65
N CYS D 50 7.54 1.25 10.86
CA CYS D 50 8.11 2.02 11.97
C CYS D 50 9.57 1.69 12.20
N SER D 51 9.92 0.41 12.03
CA SER D 51 11.30 -0.05 12.20
C SER D 51 12.13 0.43 11.01
N ASN D 52 11.47 1.20 10.14
CA ASN D 52 12.11 1.72 8.95
C ASN D 52 12.68 0.58 8.11
N ASN D 53 11.84 -0.43 7.87
CA ASN D 53 12.22 -1.58 7.06
C ASN D 53 11.65 -1.33 5.69
N VAL D 54 11.93 -2.23 4.76
CA VAL D 54 11.41 -2.09 3.42
C VAL D 54 10.70 -3.38 3.11
N ILE D 55 9.39 -3.28 2.90
CA ILE D 55 8.60 -4.45 2.60
C ILE D 55 8.41 -4.45 1.09
N GLU D 56 8.75 -5.56 0.45
CA GLU D 56 8.61 -5.69 -1.00
C GLU D 56 7.71 -6.86 -1.38
N PHE D 57 6.71 -6.56 -2.19
CA PHE D 57 5.80 -7.59 -2.65
C PHE D 57 5.95 -7.65 -4.15
N ARG D 58 6.97 -8.38 -4.56
CA ARG D 58 7.30 -8.57 -5.95
C ARG D 58 6.07 -8.41 -6.82
N SER D 59 6.20 -7.48 -7.76
CA SER D 59 5.15 -7.12 -8.72
C SER D 59 3.80 -6.83 -8.07
N PHE D 60 3.74 -5.68 -7.42
CA PHE D 60 2.55 -5.14 -6.76
C PHE D 60 3.04 -3.80 -6.28
N GLY D 61 4.10 -3.83 -5.48
CA GLY D 61 4.66 -2.60 -4.98
C GLY D 61 5.52 -2.78 -3.76
N THR D 62 6.16 -1.69 -3.37
CA THR D 62 7.03 -1.69 -2.22
C THR D 62 6.66 -0.58 -1.27
N PHE D 63 6.73 -0.88 0.01
CA PHE D 63 6.45 0.09 1.04
C PHE D 63 7.79 0.41 1.67
N GLU D 64 7.98 1.67 2.05
CA GLU D 64 9.23 2.09 2.65
C GLU D 64 9.02 3.46 3.27
N VAL D 65 9.94 3.87 4.12
CA VAL D 65 9.82 5.18 4.74
C VAL D 65 10.74 6.13 3.97
N ARG D 66 10.24 7.33 3.69
CA ARG D 66 11.04 8.32 3.00
C ARG D 66 11.14 9.60 3.82
N LYS D 67 12.27 10.28 3.69
CA LYS D 67 12.49 11.52 4.41
C LYS D 67 11.90 12.65 3.59
N ARG D 68 11.44 13.67 4.27
CA ARG D 68 10.84 14.82 3.62
C ARG D 68 11.31 16.09 4.34
N LYS D 69 11.93 17.01 3.60
CA LYS D 69 12.42 18.26 4.17
C LYS D 69 11.30 19.18 4.65
N GLY D 70 11.48 19.78 5.82
CA GLY D 70 10.49 20.69 6.35
C GLY D 70 10.53 22.02 5.63
N ARG D 71 9.66 22.94 6.04
CA ARG D 71 9.59 24.25 5.41
C ARG D 71 9.26 25.38 6.38
N LEU D 72 9.30 26.59 5.83
CA LEU D 72 8.95 27.82 6.52
C LEU D 72 7.90 28.39 5.57
N ASN D 73 8.12 28.18 4.28
CA ASN D 73 7.21 28.62 3.23
C ASN D 73 5.84 27.99 3.39
N ALA D 74 5.75 26.93 4.18
CA ALA D 74 4.48 26.23 4.37
C ALA D 74 3.33 27.22 4.56
N ARG D 75 2.16 26.85 4.06
CA ARG D 75 0.99 27.72 4.12
C ARG D 75 -0.26 27.06 4.68
N ASN D 76 -1.07 27.84 5.37
CA ASN D 76 -2.33 27.37 5.92
C ASN D 76 -3.33 27.64 4.81
N PRO D 77 -3.71 26.61 4.03
CA PRO D 77 -4.67 26.74 2.91
C PRO D 77 -5.80 27.73 3.16
N GLN D 78 -6.30 27.72 4.40
CA GLN D 78 -7.39 28.58 4.82
C GLN D 78 -7.07 30.08 4.92
N THR D 79 -6.05 30.40 5.71
CA THR D 79 -5.66 31.78 5.97
C THR D 79 -4.46 32.37 5.26
N GLY D 80 -3.59 31.53 4.72
CA GLY D 80 -2.41 32.02 4.04
C GLY D 80 -1.26 32.29 5.00
N GLU D 81 -1.53 32.11 6.29
CA GLU D 81 -0.52 32.33 7.32
C GLU D 81 0.65 31.37 7.13
N TYR D 82 1.86 31.90 7.04
CA TYR D 82 3.02 31.04 6.86
C TYR D 82 3.15 30.09 8.05
N VAL D 83 3.31 28.80 7.75
CA VAL D 83 3.46 27.77 8.78
C VAL D 83 4.82 27.06 8.69
N LYS D 84 5.25 26.50 9.80
CA LYS D 84 6.54 25.80 9.87
C LYS D 84 6.32 24.27 9.93
N VAL D 85 7.18 23.55 9.20
CA VAL D 85 7.15 22.09 9.14
C VAL D 85 8.57 21.55 9.28
N LEU D 86 8.76 20.63 10.22
CA LEU D 86 10.07 20.05 10.46
C LEU D 86 10.39 18.90 9.51
N ASP D 87 11.68 18.61 9.35
CA ASP D 87 12.09 17.49 8.51
C ASP D 87 11.54 16.23 9.20
N HIS D 88 10.78 15.44 8.45
CA HIS D 88 10.16 14.24 9.00
C HIS D 88 10.27 13.04 8.05
N HIS D 89 9.49 12.02 8.34
CA HIS D 89 9.46 10.82 7.53
C HIS D 89 8.04 10.49 7.09
N VAL D 90 7.90 9.80 5.96
CA VAL D 90 6.59 9.47 5.48
C VAL D 90 6.50 8.06 4.92
N ALA D 91 5.32 7.45 5.02
CA ALA D 91 5.10 6.11 4.51
C ALA D 91 4.86 6.24 3.02
N TYR D 92 5.62 5.50 2.21
CA TYR D 92 5.49 5.61 0.76
C TYR D 92 5.26 4.28 0.06
N PHE D 93 4.27 4.25 -0.83
CA PHE D 93 4.02 3.02 -1.56
C PHE D 93 4.53 3.21 -2.95
N ARG D 94 5.43 2.33 -3.36
CA ARG D 94 6.01 2.42 -4.69
C ARG D 94 5.56 1.25 -5.56
N PRO D 95 4.57 1.48 -6.44
CA PRO D 95 3.93 0.56 -7.38
C PRO D 95 4.84 -0.41 -8.12
N GLY D 96 4.40 -1.66 -8.22
CA GLY D 96 5.17 -2.69 -8.91
C GLY D 96 4.75 -2.85 -10.36
N LYS D 97 5.57 -3.52 -11.15
CA LYS D 97 5.29 -3.69 -12.57
C LYS D 97 3.83 -4.02 -12.89
N ASP D 98 3.37 -5.20 -12.47
CA ASP D 98 1.99 -5.59 -12.75
C ASP D 98 1.02 -4.46 -12.44
N LEU D 99 1.04 -3.97 -11.22
CA LEU D 99 0.14 -2.91 -10.82
C LEU D 99 0.31 -1.66 -11.69
N LYS D 100 1.54 -1.16 -11.79
CA LYS D 100 1.80 0.03 -12.57
C LYS D 100 1.35 -0.07 -14.02
N GLU D 101 1.40 -1.27 -14.58
CA GLU D 101 1.02 -1.46 -15.98
C GLU D 101 -0.46 -1.69 -16.20
N ARG D 102 -1.10 -2.31 -15.23
CA ARG D 102 -2.52 -2.56 -15.37
C ARG D 102 -3.32 -1.29 -15.14
N VAL D 103 -2.70 -0.32 -14.48
CA VAL D 103 -3.36 0.94 -14.16
C VAL D 103 -3.01 2.07 -15.13
N TRP D 104 -1.86 1.99 -15.77
CA TRP D 104 -1.41 3.03 -16.68
C TRP D 104 -2.49 3.56 -17.66
N GLY D 105 -2.94 2.70 -18.56
CA GLY D 105 -3.95 3.11 -19.51
C GLY D 105 -5.33 2.82 -18.96
N ILE D 106 -5.89 3.78 -18.24
CA ILE D 106 -7.20 3.62 -17.63
C ILE D 106 -8.16 4.72 -18.05
N LYS D 107 -9.41 4.34 -18.26
CA LYS D 107 -10.44 5.29 -18.65
C LYS D 107 -10.85 6.16 -17.45
#